data_3ULQ
#
_entry.id   3ULQ
#
_cell.length_a   115.304
_cell.length_b   81.437
_cell.length_c   78.346
_cell.angle_alpha   90.00
_cell.angle_beta   90.00
_cell.angle_gamma   90.00
#
_symmetry.space_group_name_H-M   'P 21 21 2'
#
loop_
_entity.id
_entity.type
_entity.pdbx_description
1 polymer 'Response regulator aspartate phosphatase F'
2 polymer 'Transcriptional regulatory protein ComA'
3 non-polymer 'MANGANESE (II) ION'
4 water water
#
loop_
_entity_poly.entity_id
_entity_poly.type
_entity_poly.pdbx_seq_one_letter_code
_entity_poly.pdbx_strand_id
1 'polypeptide(L)'
;GSVTGVISSSSIGEKINEWYMYIRRFSIPDAEYLRREIKQELDQMEEDQDLHLYYSLMEFRHNLMLEYLEPLEKMRIEEQ
PRLSDLLLEIDKKQARLTGLLEYYFNFFRGMYELDQREYLSAIKFFKKAESKLIFVKDRIEKAEFFFKMSESYYYMKQTY
FSMDYARQAYEIYKEHEAYNIRLLQCHSLFATNFLDLKQYEDAISHFQKAYSMAEAEKQPQLMGRTLYNIGLCKNSQSQY
EDAIPYFKRAIAVFEESNILPSLPQAYFLITQIHYKLGKIDKAHEYHSKGMAYSQKAGDVIYLSEFEFLKSLYLSGPDEE
AIQGFFDFLESKMLYADLEDFAIDVAKYYHERKNFQKASAYFLKVEQVRQLIQGGVSLYEIEV
;
A
2 'polypeptide(L)'
;MGSSHHHHHHSSGLVPRGSHMSSQKEQDVLTPRECLILQEVEKGFTNQEIADALHLSKRSIEYSLTSIFNKLNVGSRTEA
VLIAKSDGVL
;
B
#
# COMPACT_ATOMS: atom_id res chain seq x y z
N SER A 8 -9.42 -0.12 -6.09
CA SER A 8 -8.48 -0.24 -4.96
C SER A 8 -8.65 0.85 -3.89
N SER A 9 -8.62 0.43 -2.63
CA SER A 9 -8.66 1.39 -1.52
C SER A 9 -7.66 2.51 -1.72
N SER A 10 -6.47 2.17 -2.20
CA SER A 10 -5.39 3.13 -2.35
C SER A 10 -5.69 4.14 -3.45
N SER A 11 -6.28 3.66 -4.53
CA SER A 11 -6.62 4.54 -5.64
C SER A 11 -7.83 5.38 -5.30
N ILE A 12 -8.76 4.85 -4.51
CA ILE A 12 -9.93 5.66 -4.14
C ILE A 12 -9.49 6.84 -3.27
N GLY A 13 -8.57 6.59 -2.36
CA GLY A 13 -8.12 7.65 -1.48
C GLY A 13 -7.45 8.76 -2.26
N GLU A 14 -6.67 8.40 -3.27
CA GLU A 14 -5.99 9.39 -4.10
C GLU A 14 -7.00 10.20 -4.94
N LYS A 15 -8.08 9.56 -5.38
CA LYS A 15 -9.14 10.31 -6.05
C LYS A 15 -9.81 11.30 -5.10
N ILE A 16 -9.96 10.91 -3.84
CA ILE A 16 -10.54 11.82 -2.85
C ILE A 16 -9.59 12.99 -2.64
N ASN A 17 -8.30 12.71 -2.70
CA ASN A 17 -7.28 13.75 -2.68
C ASN A 17 -7.47 14.74 -3.82
N GLU A 18 -7.66 14.24 -5.04
CA GLU A 18 -7.83 15.13 -6.17
C GLU A 18 -9.08 15.95 -6.00
N TRP A 19 -10.13 15.30 -5.50
CA TRP A 19 -11.40 15.95 -5.23
C TRP A 19 -11.13 17.16 -4.33
N TYR A 20 -10.36 16.95 -3.26
CA TYR A 20 -10.07 18.03 -2.31
C TYR A 20 -9.34 19.21 -2.98
N MET A 21 -8.38 18.91 -3.85
CA MET A 21 -7.64 19.96 -4.54
C MET A 21 -8.57 20.82 -5.41
N TYR A 22 -9.51 20.19 -6.09
CA TYR A 22 -10.53 20.95 -6.83
C TYR A 22 -11.46 21.73 -5.93
N ILE A 23 -11.78 21.18 -4.76
CA ILE A 23 -12.67 21.87 -3.83
C ILE A 23 -12.00 23.16 -3.32
N ARG A 24 -10.71 23.09 -3.01
CA ARG A 24 -10.01 24.25 -2.48
C ARG A 24 -9.92 25.34 -3.52
N ARG A 25 -9.93 24.94 -4.78
CA ARG A 25 -9.96 25.89 -5.87
C ARG A 25 -11.37 26.32 -6.28
N PHE A 26 -12.39 25.77 -5.66
CA PHE A 26 -13.75 26.06 -6.11
C PHE A 26 -13.97 25.74 -7.61
N SER A 27 -13.33 24.69 -8.10
CA SER A 27 -13.58 24.24 -9.46
C SER A 27 -14.75 23.27 -9.46
N ILE A 28 -15.94 23.81 -9.69
CA ILE A 28 -17.17 23.08 -9.45
C ILE A 28 -17.36 21.83 -10.33
N PRO A 29 -17.19 21.99 -11.66
CA PRO A 29 -17.39 20.84 -12.56
C PRO A 29 -16.47 19.69 -12.16
N ASP A 30 -15.19 19.99 -11.97
CA ASP A 30 -14.22 18.98 -11.59
C ASP A 30 -14.58 18.32 -10.29
N ALA A 31 -14.92 19.12 -9.28
CA ALA A 31 -15.26 18.55 -8.00
C ALA A 31 -16.51 17.67 -8.10
N GLU A 32 -17.51 18.12 -8.85
CA GLU A 32 -18.73 17.32 -9.01
C GLU A 32 -18.46 15.99 -9.73
N TYR A 33 -17.60 16.00 -10.74
CA TYR A 33 -17.33 14.76 -11.47
C TYR A 33 -16.67 13.75 -10.56
N LEU A 34 -15.66 14.19 -9.82
CA LEU A 34 -14.97 13.31 -8.89
C LEU A 34 -15.87 12.82 -7.76
N ARG A 35 -16.66 13.74 -7.22
CA ARG A 35 -17.59 13.39 -6.17
C ARG A 35 -18.48 12.24 -6.65
N ARG A 36 -18.97 12.37 -7.87
CA ARG A 36 -19.87 11.36 -8.40
C ARG A 36 -19.16 10.01 -8.60
N GLU A 37 -18.01 10.05 -9.25
CA GLU A 37 -17.26 8.84 -9.56
C GLU A 37 -16.87 8.11 -8.26
N ILE A 38 -16.40 8.87 -7.27
CA ILE A 38 -16.08 8.34 -5.95
C ILE A 38 -17.28 7.69 -5.23
N LYS A 39 -18.43 8.34 -5.24
CA LYS A 39 -19.64 7.71 -4.67
C LYS A 39 -19.93 6.36 -5.33
N GLN A 40 -19.91 6.32 -6.66
CA GLN A 40 -20.18 5.08 -7.36
C GLN A 40 -19.18 3.98 -7.01
N GLU A 41 -17.89 4.32 -7.00
CA GLU A 41 -16.86 3.33 -6.72
C GLU A 41 -16.98 2.76 -5.31
N LEU A 42 -17.33 3.60 -4.34
CA LEU A 42 -17.50 3.12 -2.98
C LEU A 42 -18.79 2.31 -2.80
N ASP A 43 -19.76 2.50 -3.69
CA ASP A 43 -21.01 1.76 -3.64
C ASP A 43 -20.78 0.34 -4.11
N GLN A 44 -19.64 0.11 -4.77
CA GLN A 44 -19.29 -1.21 -5.29
C GLN A 44 -18.22 -1.88 -4.45
N MET A 45 -18.11 -1.49 -3.18
CA MET A 45 -17.10 -2.09 -2.32
C MET A 45 -17.36 -1.86 -0.83
N GLU A 46 -16.85 -2.77 0.00
CA GLU A 46 -16.85 -2.59 1.45
C GLU A 46 -15.54 -1.93 1.86
N GLU A 47 -15.53 -0.60 1.87
CA GLU A 47 -14.33 0.16 2.17
C GLU A 47 -13.99 0.13 3.66
N ASP A 48 -12.70 0.23 3.97
CA ASP A 48 -12.24 0.30 5.36
C ASP A 48 -12.83 1.51 6.06
N GLN A 49 -12.74 1.53 7.38
CA GLN A 49 -13.36 2.60 8.15
C GLN A 49 -12.67 3.94 7.87
N ASP A 50 -11.35 3.91 7.78
CA ASP A 50 -10.59 5.11 7.45
C ASP A 50 -11.06 5.74 6.14
N LEU A 51 -11.24 4.93 5.11
CA LEU A 51 -11.63 5.47 3.80
C LEU A 51 -13.06 6.04 3.82
N HIS A 52 -13.97 5.34 4.48
CA HIS A 52 -15.35 5.81 4.61
C HIS A 52 -15.42 7.17 5.32
N LEU A 53 -14.68 7.31 6.41
CA LEU A 53 -14.60 8.56 7.14
C LEU A 53 -14.00 9.68 6.27
N TYR A 54 -12.89 9.41 5.60
CA TYR A 54 -12.30 10.42 4.72
C TYR A 54 -13.32 10.91 3.70
N TYR A 55 -14.05 9.99 3.09
CA TYR A 55 -15.07 10.37 2.12
C TYR A 55 -16.18 11.24 2.73
N SER A 56 -16.63 10.86 3.92
CA SER A 56 -17.71 11.56 4.60
C SER A 56 -17.23 12.97 4.90
N LEU A 57 -16.02 13.08 5.42
CA LEU A 57 -15.45 14.39 5.64
C LEU A 57 -15.42 15.20 4.34
N MET A 58 -14.99 14.58 3.25
CA MET A 58 -14.84 15.35 2.02
C MET A 58 -16.22 15.72 1.45
N GLU A 59 -17.19 14.84 1.63
CA GLU A 59 -18.55 15.13 1.19
C GLU A 59 -19.06 16.37 1.92
N PHE A 60 -18.85 16.40 3.23
CA PHE A 60 -19.24 17.54 4.05
C PHE A 60 -18.50 18.79 3.60
N ARG A 61 -17.20 18.65 3.35
CA ARG A 61 -16.36 19.76 2.93
C ARG A 61 -16.79 20.30 1.55
N HIS A 62 -17.24 19.40 0.68
CA HIS A 62 -17.73 19.79 -0.63
C HIS A 62 -19.01 20.62 -0.49
N ASN A 63 -19.88 20.22 0.43
CA ASN A 63 -21.11 20.97 0.66
C ASN A 63 -20.85 22.32 1.28
N LEU A 64 -19.82 22.39 2.13
CA LEU A 64 -19.38 23.66 2.70
C LEU A 64 -18.89 24.58 1.57
N MET A 65 -18.13 24.02 0.64
CA MET A 65 -17.71 24.80 -0.52
C MET A 65 -18.93 25.45 -1.20
N LEU A 66 -20.00 24.69 -1.40
CA LEU A 66 -21.12 25.21 -2.15
C LEU A 66 -21.82 26.26 -1.31
N GLU A 67 -21.85 26.02 -0.01
CA GLU A 67 -22.55 26.89 0.93
C GLU A 67 -21.89 28.26 1.01
N TYR A 68 -20.56 28.29 1.01
CA TYR A 68 -19.87 29.58 1.07
C TYR A 68 -19.94 30.36 -0.24
N LEU A 69 -20.17 29.64 -1.35
CA LEU A 69 -20.26 30.26 -2.67
C LEU A 69 -21.64 30.87 -2.88
N GLU A 70 -22.64 30.28 -2.24
CA GLU A 70 -24.03 30.65 -2.47
C GLU A 70 -24.32 32.15 -2.32
N PRO A 71 -23.75 32.80 -1.29
CA PRO A 71 -24.11 34.23 -1.14
C PRO A 71 -23.58 35.09 -2.28
N LEU A 72 -22.51 34.66 -2.95
CA LEU A 72 -21.95 35.46 -4.03
C LEU A 72 -22.90 35.59 -5.22
N GLU A 73 -23.84 34.64 -5.35
CA GLU A 73 -24.78 34.67 -6.47
C GLU A 73 -25.55 35.98 -6.53
N LYS A 74 -25.97 36.49 -5.37
CA LYS A 74 -26.80 37.69 -5.34
C LYS A 74 -25.96 38.97 -5.21
N MET A 75 -24.65 38.82 -5.04
CA MET A 75 -23.79 39.99 -4.88
C MET A 75 -23.36 40.57 -6.22
N ARG A 76 -23.40 41.90 -6.33
CA ARG A 76 -22.73 42.54 -7.45
C ARG A 76 -21.29 42.05 -7.37
N ILE A 77 -20.59 42.08 -8.49
CA ILE A 77 -19.23 41.53 -8.53
C ILE A 77 -18.24 42.22 -7.58
N GLU A 78 -18.36 43.54 -7.43
CA GLU A 78 -17.38 44.28 -6.64
C GLU A 78 -17.54 44.01 -5.14
N GLU A 79 -18.74 43.60 -4.75
CA GLU A 79 -19.05 43.26 -3.37
C GLU A 79 -18.63 41.83 -2.98
N GLN A 80 -18.28 41.02 -3.98
CA GLN A 80 -17.85 39.64 -3.77
C GLN A 80 -16.40 39.54 -3.31
N PRO A 81 -16.14 38.71 -2.29
CA PRO A 81 -14.78 38.42 -1.85
C PRO A 81 -14.05 37.58 -2.87
N ARG A 82 -12.73 37.64 -2.90
CA ARG A 82 -11.94 36.75 -3.73
C ARG A 82 -12.10 35.35 -3.17
N LEU A 83 -12.18 34.35 -4.05
CA LEU A 83 -12.35 32.97 -3.62
C LEU A 83 -11.24 32.58 -2.66
N SER A 84 -10.05 33.07 -2.95
CA SER A 84 -8.85 32.77 -2.15
C SER A 84 -8.99 33.13 -0.67
N ASP A 85 -9.85 34.12 -0.40
CA ASP A 85 -10.13 34.60 0.94
C ASP A 85 -11.28 33.81 1.54
N LEU A 86 -12.21 33.40 0.69
CA LEU A 86 -13.29 32.53 1.11
C LEU A 86 -12.68 31.25 1.70
N LEU A 87 -11.65 30.76 1.05
CA LEU A 87 -11.02 29.53 1.44
C LEU A 87 -10.40 29.66 2.84
N LEU A 88 -9.72 30.79 3.09
CA LEU A 88 -9.10 31.07 4.40
C LEU A 88 -10.15 31.11 5.49
N GLU A 89 -11.26 31.78 5.20
CA GLU A 89 -12.39 31.79 6.10
C GLU A 89 -12.85 30.38 6.42
N ILE A 90 -13.02 29.55 5.40
CA ILE A 90 -13.48 28.19 5.64
C ILE A 90 -12.52 27.45 6.55
N ASP A 91 -11.21 27.54 6.26
CA ASP A 91 -10.21 26.82 7.05
C ASP A 91 -10.17 27.35 8.48
N LYS A 92 -10.41 28.65 8.63
CA LYS A 92 -10.36 29.31 9.94
C LYS A 92 -11.55 28.91 10.82
N LYS A 93 -12.73 28.84 10.23
CA LYS A 93 -13.95 28.53 10.97
C LYS A 93 -14.17 27.03 11.11
N GLN A 94 -13.32 26.24 10.48
CA GLN A 94 -13.52 24.79 10.47
C GLN A 94 -12.17 24.14 10.66
N ALA A 95 -11.46 24.58 11.69
CA ALA A 95 -10.07 24.23 11.87
C ALA A 95 -9.92 22.75 12.13
N ARG A 96 -10.89 22.17 12.82
CA ARG A 96 -10.80 20.77 13.16
C ARG A 96 -11.03 19.89 11.93
N LEU A 97 -12.06 20.23 11.17
CA LEU A 97 -12.33 19.55 9.91
C LEU A 97 -11.06 19.57 9.04
N THR A 98 -10.47 20.76 8.91
CA THR A 98 -9.38 21.01 8.00
C THR A 98 -8.18 20.16 8.39
N GLY A 99 -7.90 20.12 9.69
CA GLY A 99 -6.79 19.37 10.21
C GLY A 99 -6.93 17.88 9.97
N LEU A 100 -8.12 17.36 10.26
CA LEU A 100 -8.45 15.97 9.96
C LEU A 100 -8.32 15.66 8.47
N LEU A 101 -8.86 16.54 7.63
CA LEU A 101 -8.72 16.38 6.19
C LEU A 101 -7.22 16.33 5.82
N GLU A 102 -6.40 17.20 6.43
CA GLU A 102 -4.97 17.24 6.13
C GLU A 102 -4.34 15.90 6.50
N TYR A 103 -4.77 15.35 7.61
CA TYR A 103 -4.23 14.09 8.06
C TYR A 103 -4.52 12.98 7.02
N TYR A 104 -5.78 12.81 6.69
CA TYR A 104 -6.16 11.77 5.72
C TYR A 104 -5.57 12.01 4.31
N PHE A 105 -5.61 13.25 3.85
CA PHE A 105 -5.07 13.58 2.54
C PHE A 105 -3.63 13.06 2.44
N ASN A 106 -2.80 13.49 3.38
CA ASN A 106 -1.39 13.11 3.38
C ASN A 106 -1.15 11.63 3.64
N PHE A 107 -1.94 11.05 4.52
CA PHE A 107 -1.81 9.63 4.75
C PHE A 107 -2.12 8.84 3.47
N PHE A 108 -3.25 9.16 2.84
CA PHE A 108 -3.64 8.43 1.63
C PHE A 108 -2.74 8.73 0.43
N ARG A 109 -2.30 9.98 0.27
CA ARG A 109 -1.35 10.29 -0.80
C ARG A 109 -0.05 9.50 -0.59
N GLY A 110 0.42 9.48 0.66
CA GLY A 110 1.59 8.72 1.02
C GLY A 110 1.46 7.26 0.68
N MET A 111 0.34 6.65 1.08
CA MET A 111 0.05 5.27 0.72
C MET A 111 0.04 5.04 -0.80
N TYR A 112 -0.53 5.97 -1.53
CA TYR A 112 -0.57 5.89 -2.99
C TYR A 112 0.85 5.96 -3.57
N GLU A 113 1.65 6.89 -3.07
CA GLU A 113 3.02 7.05 -3.55
C GLU A 113 3.83 5.78 -3.28
N LEU A 114 3.66 5.22 -2.08
CA LEU A 114 4.29 3.96 -1.71
C LEU A 114 3.94 2.85 -2.70
N ASP A 115 2.64 2.75 -3.01
CA ASP A 115 2.12 1.84 -4.02
C ASP A 115 2.78 2.04 -5.38
N GLN A 116 3.03 3.30 -5.74
CA GLN A 116 3.70 3.59 -7.00
C GLN A 116 5.22 3.40 -6.88
N ARG A 117 5.69 2.95 -5.71
CA ARG A 117 7.12 2.78 -5.50
C ARG A 117 7.88 4.11 -5.59
N GLU A 118 7.23 5.19 -5.18
CA GLU A 118 7.85 6.50 -5.09
C GLU A 118 8.21 6.76 -3.62
N TYR A 119 9.32 6.18 -3.17
CA TYR A 119 9.61 6.15 -1.74
C TYR A 119 9.88 7.51 -1.08
N LEU A 120 10.70 8.36 -1.70
CA LEU A 120 10.95 9.68 -1.11
C LEU A 120 9.65 10.44 -0.99
N SER A 121 8.80 10.31 -2.00
CA SER A 121 7.55 11.02 -1.99
C SER A 121 6.63 10.48 -0.89
N ALA A 122 6.57 9.16 -0.74
CA ALA A 122 5.80 8.54 0.32
C ALA A 122 6.21 9.04 1.72
N ILE A 123 7.51 9.11 1.96
CA ILE A 123 8.02 9.56 3.25
C ILE A 123 7.59 11.00 3.52
N LYS A 124 7.76 11.86 2.53
CA LYS A 124 7.36 13.25 2.69
C LYS A 124 5.88 13.37 3.10
N PHE A 125 5.00 12.57 2.50
CA PHE A 125 3.59 12.66 2.87
C PHE A 125 3.30 12.03 4.22
N PHE A 126 3.96 10.90 4.51
CA PHE A 126 3.82 10.26 5.80
C PHE A 126 4.24 11.22 6.90
N LYS A 127 5.28 12.01 6.70
CA LYS A 127 5.69 12.97 7.72
C LYS A 127 4.67 14.09 7.90
N LYS A 128 4.13 14.61 6.79
CA LYS A 128 3.07 15.61 6.87
C LYS A 128 1.87 15.06 7.61
N ALA A 129 1.53 13.80 7.35
CA ALA A 129 0.39 13.18 8.03
C ALA A 129 0.67 13.10 9.53
N GLU A 130 1.84 12.59 9.87
CA GLU A 130 2.19 12.46 11.28
C GLU A 130 2.13 13.80 12.00
N SER A 131 2.52 14.88 11.34
CA SER A 131 2.44 16.19 11.99
C SER A 131 0.96 16.61 12.22
N LYS A 132 0.02 15.92 11.60
CA LYS A 132 -1.40 16.25 11.76
C LYS A 132 -2.12 15.28 12.71
N LEU A 133 -1.35 14.38 13.30
CA LEU A 133 -1.88 13.33 14.15
C LEU A 133 -2.56 13.92 15.36
N ILE A 134 -2.16 15.12 15.74
CA ILE A 134 -2.81 15.82 16.83
C ILE A 134 -4.33 15.96 16.60
N PHE A 135 -4.77 15.95 15.34
CA PHE A 135 -6.21 16.02 15.06
C PHE A 135 -6.92 14.67 15.21
N VAL A 136 -6.15 13.60 15.37
CA VAL A 136 -6.71 12.28 15.54
C VAL A 136 -6.81 11.96 17.04
N LYS A 137 -7.98 12.15 17.63
CA LYS A 137 -8.15 12.05 19.08
C LYS A 137 -7.97 10.63 19.66
N ASP A 138 -8.66 9.66 19.09
CA ASP A 138 -8.62 8.29 19.59
C ASP A 138 -7.19 7.73 19.57
N ARG A 139 -6.67 7.36 20.73
CA ARG A 139 -5.29 6.88 20.79
C ARG A 139 -5.08 5.53 20.12
N ILE A 140 -6.15 4.74 19.98
CA ILE A 140 -6.04 3.53 19.16
C ILE A 140 -5.83 3.87 17.68
N GLU A 141 -6.51 4.89 17.18
CA GLU A 141 -6.30 5.32 15.79
C GLU A 141 -4.86 5.81 15.55
N LYS A 142 -4.29 6.46 16.55
CA LYS A 142 -2.88 6.87 16.48
C LYS A 142 -1.98 5.65 16.37
N ALA A 143 -2.19 4.68 17.25
CA ALA A 143 -1.42 3.44 17.22
C ALA A 143 -1.53 2.78 15.84
N GLU A 144 -2.72 2.84 15.24
CA GLU A 144 -2.92 2.24 13.92
C GLU A 144 -2.05 2.93 12.87
N PHE A 145 -1.95 4.25 12.97
CA PHE A 145 -1.04 4.98 12.10
C PHE A 145 0.39 4.48 12.29
N PHE A 146 0.87 4.45 13.54
CA PHE A 146 2.22 4.01 13.83
C PHE A 146 2.44 2.59 13.35
N PHE A 147 1.43 1.74 13.54
CA PHE A 147 1.48 0.37 13.06
C PHE A 147 1.68 0.33 11.54
N LYS A 148 0.90 1.13 10.81
CA LYS A 148 0.97 1.18 9.34
C LYS A 148 2.31 1.77 8.89
N MET A 149 2.82 2.76 9.61
CA MET A 149 4.15 3.26 9.33
C MET A 149 5.17 2.13 9.51
N SER A 150 5.03 1.38 10.59
CA SER A 150 5.95 0.27 10.81
C SER A 150 5.95 -0.69 9.63
N GLU A 151 4.77 -1.10 9.17
CA GLU A 151 4.68 -2.02 8.05
C GLU A 151 5.29 -1.44 6.79
N SER A 152 5.13 -0.14 6.61
CA SER A 152 5.60 0.54 5.40
C SER A 152 7.12 0.61 5.37
N TYR A 153 7.74 0.89 6.52
CA TYR A 153 9.19 0.97 6.57
C TYR A 153 9.84 -0.40 6.64
N TYR A 154 9.08 -1.39 7.09
CA TYR A 154 9.49 -2.76 6.91
C TYR A 154 9.62 -3.06 5.42
N TYR A 155 8.62 -2.63 4.65
CA TYR A 155 8.62 -2.88 3.22
C TYR A 155 9.73 -2.09 2.49
N MET A 156 9.94 -0.84 2.88
CA MET A 156 11.02 -0.02 2.34
C MET A 156 12.39 -0.39 2.94
N LYS A 157 12.39 -1.33 3.87
CA LYS A 157 13.61 -1.76 4.56
C LYS A 157 14.35 -0.63 5.30
N GLN A 158 13.62 0.37 5.78
CA GLN A 158 14.19 1.30 6.75
C GLN A 158 13.98 0.66 8.14
N THR A 159 14.72 -0.41 8.35
CA THR A 159 14.54 -1.31 9.48
C THR A 159 14.46 -0.60 10.83
N TYR A 160 15.32 0.39 11.05
CA TYR A 160 15.34 1.07 12.35
C TYR A 160 14.07 1.88 12.57
N PHE A 161 13.63 2.57 11.53
CA PHE A 161 12.42 3.37 11.62
C PHE A 161 11.20 2.45 11.76
N SER A 162 11.28 1.28 11.15
CA SER A 162 10.20 0.31 11.25
C SER A 162 10.04 -0.17 12.70
N MET A 163 11.15 -0.56 13.31
CA MET A 163 11.12 -0.89 14.73
C MET A 163 10.67 0.27 15.62
N ASP A 164 11.13 1.49 15.33
CA ASP A 164 10.73 2.63 16.14
C ASP A 164 9.22 2.84 16.14
N TYR A 165 8.62 2.81 14.95
CA TYR A 165 7.16 2.90 14.86
C TYR A 165 6.43 1.70 15.47
N ALA A 166 7.02 0.52 15.39
CA ALA A 166 6.38 -0.64 15.99
C ALA A 166 6.36 -0.40 17.50
N ARG A 167 7.45 0.12 18.03
CA ARG A 167 7.51 0.44 19.44
C ARG A 167 6.46 1.46 19.85
N GLN A 168 6.30 2.51 19.05
CA GLN A 168 5.29 3.51 19.37
C GLN A 168 3.90 2.91 19.35
N ALA A 169 3.65 1.98 18.44
CA ALA A 169 2.34 1.37 18.37
C ALA A 169 2.16 0.48 19.58
N TYR A 170 3.17 -0.37 19.82
CA TYR A 170 3.16 -1.30 20.95
C TYR A 170 2.84 -0.60 22.27
N GLU A 171 3.48 0.55 22.49
CA GLU A 171 3.29 1.27 23.74
C GLU A 171 1.81 1.63 23.97
N ILE A 172 1.10 1.97 22.90
CA ILE A 172 -0.30 2.31 23.04
C ILE A 172 -1.15 1.06 23.16
N TYR A 173 -0.89 0.05 22.35
CA TYR A 173 -1.64 -1.19 22.47
C TYR A 173 -1.51 -1.82 23.85
N LYS A 174 -0.33 -1.69 24.46
CA LYS A 174 -0.06 -2.30 25.76
C LYS A 174 -0.99 -1.79 26.86
N GLU A 175 -1.45 -0.54 26.72
CA GLU A 175 -2.31 0.08 27.73
C GLU A 175 -3.79 -0.28 27.62
N HIS A 176 -4.16 -0.95 26.52
CA HIS A 176 -5.53 -1.43 26.32
C HIS A 176 -5.55 -2.97 26.39
N GLU A 177 -6.67 -3.53 26.84
CA GLU A 177 -6.72 -4.97 27.09
C GLU A 177 -7.31 -5.76 25.93
N ALA A 178 -8.18 -5.10 25.16
CA ALA A 178 -8.88 -5.73 24.04
C ALA A 178 -8.04 -5.79 22.75
N TYR A 179 -6.78 -5.42 22.84
CA TYR A 179 -5.94 -5.37 21.65
C TYR A 179 -4.72 -6.30 21.70
N ASN A 180 -4.89 -7.49 22.28
CA ASN A 180 -3.80 -8.45 22.37
C ASN A 180 -3.36 -8.93 20.98
N ILE A 181 -4.28 -8.88 20.02
CA ILE A 181 -3.96 -9.34 18.68
C ILE A 181 -2.99 -8.39 18.02
N ARG A 182 -3.29 -7.10 18.13
CA ARG A 182 -2.40 -6.09 17.58
C ARG A 182 -1.04 -6.12 18.27
N LEU A 183 -1.04 -6.28 19.60
CA LEU A 183 0.22 -6.44 20.35
C LEU A 183 1.06 -7.59 19.79
N LEU A 184 0.42 -8.73 19.64
CA LEU A 184 1.01 -9.90 19.01
C LEU A 184 1.67 -9.54 17.66
N GLN A 185 0.98 -8.79 16.82
CA GLN A 185 1.51 -8.42 15.51
C GLN A 185 2.66 -7.41 15.59
N CYS A 186 2.68 -6.64 16.67
CA CYS A 186 3.83 -5.77 16.93
C CYS A 186 5.04 -6.64 17.24
N HIS A 187 4.83 -7.70 18.00
CA HIS A 187 5.91 -8.68 18.20
C HIS A 187 6.39 -9.27 16.89
N SER A 188 5.46 -9.53 15.97
CA SER A 188 5.82 -10.07 14.67
C SER A 188 6.62 -9.02 13.91
N LEU A 189 6.23 -7.76 14.07
CA LEU A 189 6.99 -6.69 13.44
C LEU A 189 8.41 -6.59 14.00
N PHE A 190 8.58 -6.73 15.31
CA PHE A 190 9.93 -6.70 15.89
C PHE A 190 10.75 -7.86 15.34
N ALA A 191 10.11 -9.02 15.26
CA ALA A 191 10.77 -10.26 14.86
C ALA A 191 11.26 -10.24 13.43
N THR A 192 10.39 -9.81 12.51
CA THR A 192 10.79 -9.78 11.10
C THR A 192 11.91 -8.77 10.89
N ASN A 193 11.86 -7.67 11.62
CA ASN A 193 12.93 -6.69 11.54
C ASN A 193 14.25 -7.25 12.10
N PHE A 194 14.20 -7.88 13.29
CA PHE A 194 15.36 -8.55 13.84
C PHE A 194 15.94 -9.53 12.83
N LEU A 195 15.05 -10.24 12.14
CA LEU A 195 15.45 -11.20 11.13
C LEU A 195 16.26 -10.55 10.00
N ASP A 196 15.81 -9.41 9.49
CA ASP A 196 16.57 -8.69 8.47
C ASP A 196 17.92 -8.20 9.00
N LEU A 197 18.00 -8.03 10.31
CA LEU A 197 19.25 -7.60 10.95
C LEU A 197 20.16 -8.79 11.30
N LYS A 198 19.71 -10.01 10.99
CA LYS A 198 20.46 -11.23 11.29
C LYS A 198 20.50 -11.53 12.80
N GLN A 199 19.65 -10.87 13.56
CA GLN A 199 19.57 -11.12 14.99
C GLN A 199 18.60 -12.24 15.21
N TYR A 200 19.07 -13.43 14.86
CA TYR A 200 18.18 -14.56 14.69
C TYR A 200 17.54 -14.97 16.01
N GLU A 201 18.33 -14.96 17.08
CA GLU A 201 17.80 -15.38 18.37
C GLU A 201 16.75 -14.39 18.85
N ASP A 202 16.99 -13.11 18.61
CA ASP A 202 16.01 -12.10 19.00
C ASP A 202 14.73 -12.27 18.20
N ALA A 203 14.86 -12.54 16.90
CA ALA A 203 13.68 -12.74 16.06
C ALA A 203 12.89 -13.92 16.60
N ILE A 204 13.58 -15.04 16.78
CA ILE A 204 12.94 -16.25 17.28
C ILE A 204 12.18 -15.93 18.57
N SER A 205 12.85 -15.25 19.49
CA SER A 205 12.29 -14.97 20.78
C SER A 205 10.96 -14.20 20.65
N HIS A 206 10.89 -13.27 19.71
CA HIS A 206 9.66 -12.48 19.51
C HIS A 206 8.59 -13.28 18.76
N PHE A 207 9.02 -14.10 17.80
CA PHE A 207 8.09 -15.01 17.16
C PHE A 207 7.49 -15.96 18.20
N GLN A 208 8.30 -16.41 19.16
CA GLN A 208 7.81 -17.30 20.22
C GLN A 208 6.77 -16.60 21.10
N LYS A 209 7.01 -15.33 21.41
CA LYS A 209 6.08 -14.55 22.21
C LYS A 209 4.77 -14.41 21.44
N ALA A 210 4.90 -14.05 20.18
CA ALA A 210 3.75 -13.87 19.34
C ALA A 210 2.98 -15.16 19.29
N TYR A 211 3.70 -16.28 19.19
CA TYR A 211 3.07 -17.59 19.15
C TYR A 211 2.20 -17.83 20.37
N SER A 212 2.77 -17.62 21.55
CA SER A 212 2.05 -17.90 22.79
C SER A 212 0.78 -17.07 22.85
N MET A 213 0.84 -15.85 22.31
CA MET A 213 -0.30 -14.94 22.34
C MET A 213 -1.39 -15.36 21.36
N ALA A 214 -0.96 -15.75 20.16
CA ALA A 214 -1.90 -16.24 19.15
C ALA A 214 -2.60 -17.52 19.61
N GLU A 215 -1.91 -18.31 20.43
CA GLU A 215 -2.50 -19.53 20.97
C GLU A 215 -3.56 -19.18 22.00
N ALA A 216 -3.29 -18.15 22.81
CA ALA A 216 -4.28 -17.63 23.74
C ALA A 216 -5.54 -17.24 23.00
N GLU A 217 -5.39 -16.37 22.00
CA GLU A 217 -6.52 -15.88 21.23
C GLU A 217 -7.11 -16.93 20.30
N LYS A 218 -6.55 -18.13 20.32
CA LYS A 218 -7.06 -19.23 19.51
C LYS A 218 -7.19 -18.80 18.05
N GLN A 219 -6.11 -18.27 17.51
CA GLN A 219 -6.10 -17.73 16.17
C GLN A 219 -5.27 -18.60 15.24
N PRO A 220 -5.92 -19.51 14.52
CA PRO A 220 -5.23 -20.51 13.70
C PRO A 220 -4.17 -19.89 12.77
N GLN A 221 -4.58 -18.92 11.96
CA GLN A 221 -3.71 -18.31 10.96
C GLN A 221 -2.43 -17.74 11.59
N LEU A 222 -2.58 -16.91 12.61
CA LEU A 222 -1.45 -16.29 13.25
C LEU A 222 -0.55 -17.33 13.89
N MET A 223 -1.17 -18.28 14.59
CA MET A 223 -0.50 -19.39 15.22
C MET A 223 0.42 -20.08 14.22
N GLY A 224 -0.13 -20.38 13.05
CA GLY A 224 0.61 -21.05 12.00
C GLY A 224 1.76 -20.22 11.46
N ARG A 225 1.49 -18.95 11.15
CA ARG A 225 2.48 -18.05 10.56
C ARG A 225 3.67 -17.90 11.51
N THR A 226 3.35 -17.62 12.75
CA THR A 226 4.30 -17.59 13.83
C THR A 226 5.24 -18.82 13.85
N LEU A 227 4.66 -20.01 13.75
CA LEU A 227 5.43 -21.25 13.75
C LEU A 227 6.31 -21.33 12.51
N TYR A 228 5.73 -20.98 11.37
CA TYR A 228 6.47 -20.94 10.12
C TYR A 228 7.68 -19.99 10.23
N ASN A 229 7.46 -18.80 10.76
CA ASN A 229 8.56 -17.82 10.86
C ASN A 229 9.73 -18.32 11.71
N ILE A 230 9.42 -19.04 12.77
CA ILE A 230 10.47 -19.68 13.55
C ILE A 230 11.30 -20.66 12.70
N GLY A 231 10.61 -21.50 11.92
CA GLY A 231 11.25 -22.40 10.97
C GLY A 231 12.09 -21.64 9.97
N LEU A 232 11.54 -20.54 9.46
CA LEU A 232 12.27 -19.63 8.57
C LEU A 232 13.59 -19.13 9.17
N CYS A 233 13.52 -18.66 10.41
CA CYS A 233 14.73 -18.26 11.13
C CYS A 233 15.75 -19.38 11.18
N LYS A 234 15.31 -20.56 11.58
CA LYS A 234 16.21 -21.71 11.60
C LYS A 234 16.81 -21.97 10.21
N ASN A 235 15.96 -21.97 9.19
CA ASN A 235 16.41 -22.16 7.81
C ASN A 235 17.46 -21.12 7.36
N SER A 236 17.28 -19.86 7.75
CA SER A 236 18.19 -18.80 7.34
C SER A 236 19.57 -19.01 7.95
N GLN A 237 19.63 -19.69 9.09
CA GLN A 237 20.89 -20.00 9.75
C GLN A 237 21.48 -21.31 9.26
N SER A 238 20.90 -21.87 8.20
CA SER A 238 21.29 -23.19 7.71
C SER A 238 21.15 -24.28 8.77
N GLN A 239 20.28 -24.05 9.75
CA GLN A 239 19.99 -25.07 10.77
C GLN A 239 18.76 -25.87 10.33
N TYR A 240 18.95 -26.61 9.24
CA TYR A 240 17.86 -27.25 8.53
C TYR A 240 17.10 -28.29 9.34
N GLU A 241 17.84 -29.19 9.97
CA GLU A 241 17.23 -30.19 10.83
C GLU A 241 16.33 -29.52 11.88
N ASP A 242 16.80 -28.41 12.44
CA ASP A 242 16.09 -27.76 13.54
C ASP A 242 14.82 -27.06 13.08
N ALA A 243 14.79 -26.70 11.80
CA ALA A 243 13.66 -25.98 11.21
C ALA A 243 12.48 -26.92 10.96
N ILE A 244 12.80 -28.16 10.58
CA ILE A 244 11.78 -29.12 10.17
C ILE A 244 10.57 -29.23 11.11
N PRO A 245 10.79 -29.44 12.41
CA PRO A 245 9.65 -29.59 13.32
C PRO A 245 8.71 -28.39 13.33
N TYR A 246 9.26 -27.18 13.21
CA TYR A 246 8.44 -25.96 13.18
C TYR A 246 7.59 -25.86 11.90
N PHE A 247 8.19 -26.21 10.77
CA PHE A 247 7.46 -26.25 9.52
C PHE A 247 6.37 -27.32 9.57
N LYS A 248 6.66 -28.43 10.23
CA LYS A 248 5.67 -29.50 10.39
C LYS A 248 4.49 -29.05 11.24
N ARG A 249 4.79 -28.34 12.33
CA ARG A 249 3.73 -27.88 13.21
C ARG A 249 2.88 -26.84 12.52
N ALA A 250 3.52 -25.91 11.82
CA ALA A 250 2.79 -24.89 11.07
C ALA A 250 1.85 -25.53 10.05
N ILE A 251 2.33 -26.53 9.31
CA ILE A 251 1.53 -27.18 8.29
C ILE A 251 0.30 -27.82 8.93
N ALA A 252 0.52 -28.47 10.07
CA ALA A 252 -0.56 -29.14 10.79
C ALA A 252 -1.64 -28.14 11.16
N VAL A 253 -1.23 -26.99 11.69
CA VAL A 253 -2.16 -25.91 12.02
C VAL A 253 -2.92 -25.44 10.79
N PHE A 254 -2.19 -25.09 9.74
CA PHE A 254 -2.83 -24.62 8.51
C PHE A 254 -3.82 -25.65 7.96
N GLU A 255 -3.46 -26.94 8.07
CA GLU A 255 -4.27 -28.00 7.49
C GLU A 255 -5.54 -28.36 8.28
N GLU A 256 -5.46 -28.29 9.61
CA GLU A 256 -6.60 -28.57 10.48
C GLU A 256 -7.75 -27.60 10.20
N SER A 257 -7.46 -26.31 10.31
CA SER A 257 -8.33 -25.28 9.75
C SER A 257 -8.09 -25.40 8.26
N ASN A 258 -8.88 -24.72 7.44
CA ASN A 258 -8.66 -24.91 6.01
C ASN A 258 -8.07 -23.67 5.36
N ILE A 259 -6.94 -23.26 5.90
CA ILE A 259 -6.23 -22.08 5.45
C ILE A 259 -5.44 -22.38 4.18
N LEU A 260 -6.16 -22.65 3.09
CA LEU A 260 -5.57 -22.99 1.80
C LEU A 260 -4.50 -22.00 1.34
N PRO A 261 -4.76 -20.69 1.46
CA PRO A 261 -3.79 -19.71 0.95
C PRO A 261 -2.40 -19.90 1.53
N SER A 262 -2.31 -20.27 2.81
CA SER A 262 -1.03 -20.37 3.50
C SER A 262 -0.23 -21.63 3.16
N LEU A 263 -0.85 -22.59 2.48
CA LEU A 263 -0.24 -23.92 2.38
C LEU A 263 0.88 -24.07 1.34
N PRO A 264 0.74 -23.45 0.16
CA PRO A 264 1.87 -23.59 -0.77
C PRO A 264 3.17 -23.20 -0.09
N GLN A 265 3.15 -22.05 0.59
CA GLN A 265 4.36 -21.56 1.27
C GLN A 265 4.84 -22.50 2.38
N ALA A 266 3.91 -22.93 3.23
CA ALA A 266 4.26 -23.76 4.37
C ALA A 266 4.96 -25.03 3.94
N TYR A 267 4.66 -25.50 2.73
CA TYR A 267 5.27 -26.73 2.20
C TYR A 267 6.60 -26.50 1.48
N PHE A 268 6.87 -25.28 1.06
CA PHE A 268 8.02 -25.05 0.20
C PHE A 268 9.40 -25.24 0.86
N LEU A 269 9.72 -24.42 1.85
CA LEU A 269 11.02 -24.57 2.49
C LEU A 269 11.25 -25.98 3.02
N ILE A 270 10.22 -26.58 3.62
CA ILE A 270 10.41 -27.92 4.17
C ILE A 270 10.71 -28.92 3.06
N THR A 271 10.10 -28.73 1.90
CA THR A 271 10.42 -29.55 0.75
C THR A 271 11.90 -29.39 0.38
N GLN A 272 12.31 -28.14 0.21
CA GLN A 272 13.69 -27.85 -0.18
C GLN A 272 14.71 -28.38 0.83
N ILE A 273 14.41 -28.24 2.10
CA ILE A 273 15.28 -28.74 3.17
C ILE A 273 15.58 -30.22 2.99
N HIS A 274 14.54 -31.00 2.69
CA HIS A 274 14.74 -32.44 2.58
C HIS A 274 15.57 -32.77 1.36
N TYR A 275 15.41 -32.00 0.29
CA TYR A 275 16.34 -32.14 -0.82
C TYR A 275 17.77 -31.89 -0.34
N LYS A 276 17.99 -30.77 0.35
CA LYS A 276 19.34 -30.42 0.79
C LYS A 276 19.92 -31.43 1.77
N LEU A 277 19.07 -32.04 2.58
CA LEU A 277 19.54 -33.02 3.55
C LEU A 277 19.73 -34.40 2.92
N GLY A 278 19.37 -34.55 1.65
CA GLY A 278 19.52 -35.83 0.98
C GLY A 278 18.44 -36.85 1.32
N LYS A 279 17.38 -36.39 2.00
CA LYS A 279 16.21 -37.18 2.32
C LYS A 279 15.21 -37.08 1.16
N ILE A 280 15.47 -37.82 0.09
CA ILE A 280 14.82 -37.58 -1.18
C ILE A 280 13.41 -38.16 -1.28
N ASP A 281 13.17 -39.34 -0.72
CA ASP A 281 11.82 -39.87 -0.68
C ASP A 281 10.88 -38.96 0.13
N LYS A 282 11.37 -38.42 1.25
CA LYS A 282 10.57 -37.47 2.01
C LYS A 282 10.41 -36.17 1.24
N ALA A 283 11.51 -35.68 0.66
CA ALA A 283 11.42 -34.50 -0.20
C ALA A 283 10.32 -34.68 -1.25
N HIS A 284 10.38 -35.78 -1.98
CA HIS A 284 9.40 -36.06 -3.02
C HIS A 284 7.94 -35.98 -2.55
N GLU A 285 7.65 -36.54 -1.37
CA GLU A 285 6.28 -36.50 -0.84
C GLU A 285 5.83 -35.08 -0.50
N TYR A 286 6.70 -34.32 0.18
CA TYR A 286 6.41 -32.92 0.47
C TYR A 286 6.24 -32.13 -0.82
N HIS A 287 7.09 -32.44 -1.79
CA HIS A 287 7.04 -31.76 -3.07
C HIS A 287 5.68 -31.99 -3.74
N SER A 288 5.30 -33.26 -3.89
CA SER A 288 4.03 -33.63 -4.49
C SER A 288 2.85 -32.92 -3.83
N LYS A 289 2.85 -32.87 -2.50
CA LYS A 289 1.75 -32.24 -1.80
C LYS A 289 1.76 -30.72 -1.99
N GLY A 290 2.93 -30.11 -1.80
CA GLY A 290 3.08 -28.67 -1.96
C GLY A 290 2.71 -28.20 -3.36
N MET A 291 3.18 -28.95 -4.35
CA MET A 291 2.85 -28.67 -5.74
C MET A 291 1.32 -28.71 -5.94
N ALA A 292 0.67 -29.74 -5.41
CA ALA A 292 -0.78 -29.87 -5.52
C ALA A 292 -1.52 -28.70 -4.85
N TYR A 293 -1.13 -28.34 -3.64
CA TYR A 293 -1.75 -27.21 -2.96
C TYR A 293 -1.63 -25.95 -3.79
N SER A 294 -0.44 -25.72 -4.35
CA SER A 294 -0.20 -24.56 -5.20
C SER A 294 -1.11 -24.57 -6.42
N GLN A 295 -1.29 -25.74 -7.02
CA GLN A 295 -2.16 -25.89 -8.17
C GLN A 295 -3.60 -25.52 -7.78
N LYS A 296 -4.02 -25.96 -6.60
CA LYS A 296 -5.37 -25.71 -6.13
C LYS A 296 -5.61 -24.24 -5.84
N ALA A 297 -4.72 -23.62 -5.06
CA ALA A 297 -4.88 -22.22 -4.71
C ALA A 297 -4.70 -21.30 -5.92
N GLY A 298 -4.23 -21.87 -7.03
CA GLY A 298 -3.88 -21.08 -8.20
C GLY A 298 -2.75 -20.09 -7.93
N ASP A 299 -1.74 -20.53 -7.18
CA ASP A 299 -0.61 -19.68 -6.81
C ASP A 299 0.51 -19.73 -7.85
N VAL A 300 0.58 -18.69 -8.68
CA VAL A 300 1.51 -18.66 -9.80
C VAL A 300 2.97 -18.78 -9.38
N ILE A 301 3.35 -17.99 -8.39
CA ILE A 301 4.72 -17.95 -7.92
C ILE A 301 5.17 -19.30 -7.36
N TYR A 302 4.39 -19.85 -6.44
CA TYR A 302 4.79 -21.11 -5.82
C TYR A 302 4.83 -22.28 -6.78
N LEU A 303 4.02 -22.22 -7.83
CA LEU A 303 4.06 -23.24 -8.88
C LEU A 303 5.45 -23.24 -9.50
N SER A 304 5.92 -22.06 -9.89
CA SER A 304 7.24 -21.96 -10.51
C SER A 304 8.35 -22.35 -9.52
N GLU A 305 8.16 -22.03 -8.24
CA GLU A 305 9.21 -22.30 -7.26
C GLU A 305 9.34 -23.80 -6.96
N PHE A 306 8.20 -24.47 -6.80
CA PHE A 306 8.22 -25.93 -6.70
C PHE A 306 8.83 -26.54 -7.97
N GLU A 307 8.47 -25.98 -9.13
CA GLU A 307 9.07 -26.41 -10.38
C GLU A 307 10.58 -26.27 -10.32
N PHE A 308 11.04 -25.13 -9.83
CA PHE A 308 12.47 -24.87 -9.67
C PHE A 308 13.16 -25.93 -8.82
N LEU A 309 12.51 -26.38 -7.75
CA LEU A 309 13.14 -27.39 -6.90
C LEU A 309 13.48 -28.64 -7.72
N LYS A 310 12.59 -29.00 -8.64
CA LYS A 310 12.80 -30.17 -9.48
C LYS A 310 13.94 -29.89 -10.44
N SER A 311 13.87 -28.75 -11.12
CA SER A 311 14.91 -28.30 -12.03
C SER A 311 16.30 -28.36 -11.40
N LEU A 312 16.39 -28.05 -10.12
CA LEU A 312 17.70 -28.02 -9.45
C LEU A 312 18.08 -29.35 -8.83
N TYR A 313 17.20 -29.89 -7.98
CA TYR A 313 17.57 -31.04 -7.15
C TYR A 313 17.47 -32.41 -7.84
N LEU A 314 16.65 -32.50 -8.89
CA LEU A 314 16.45 -33.77 -9.56
C LEU A 314 16.90 -33.79 -11.02
N SER A 315 16.80 -32.65 -11.71
CA SER A 315 16.90 -32.64 -13.17
C SER A 315 18.30 -32.45 -13.78
N GLY A 316 19.37 -32.57 -13.00
CA GLY A 316 20.68 -32.54 -13.64
C GLY A 316 21.82 -31.76 -13.04
N PRO A 317 21.61 -30.47 -12.71
CA PRO A 317 20.41 -29.65 -12.82
C PRO A 317 20.04 -29.27 -14.25
N ASP A 318 18.82 -28.73 -14.41
CA ASP A 318 18.31 -28.24 -15.67
C ASP A 318 18.56 -26.73 -15.77
N GLU A 319 19.73 -26.35 -16.27
CA GLU A 319 20.10 -24.95 -16.26
C GLU A 319 19.21 -24.04 -17.12
N GLU A 320 18.70 -24.57 -18.23
CA GLU A 320 17.84 -23.78 -19.11
C GLU A 320 16.52 -23.40 -18.42
N ALA A 321 15.98 -24.32 -17.63
CA ALA A 321 14.72 -24.08 -16.93
C ALA A 321 14.94 -23.18 -15.73
N ILE A 322 16.07 -23.39 -15.05
CA ILE A 322 16.49 -22.51 -13.97
C ILE A 322 16.62 -21.06 -14.46
N GLN A 323 17.16 -20.88 -15.67
CA GLN A 323 17.37 -19.54 -16.21
C GLN A 323 16.03 -18.84 -16.48
N GLY A 324 15.06 -19.59 -17.00
CA GLY A 324 13.74 -19.03 -17.26
C GLY A 324 13.10 -18.57 -15.96
N PHE A 325 13.28 -19.38 -14.93
CA PHE A 325 12.76 -19.09 -13.60
C PHE A 325 13.40 -17.83 -13.01
N PHE A 326 14.71 -17.72 -13.12
CA PHE A 326 15.42 -16.54 -12.63
C PHE A 326 14.86 -15.28 -13.29
N ASP A 327 14.62 -15.36 -14.60
CA ASP A 327 14.10 -14.21 -15.33
C ASP A 327 12.69 -13.84 -14.86
N PHE A 328 11.89 -14.87 -14.60
CA PHE A 328 10.54 -14.67 -14.08
C PHE A 328 10.59 -13.86 -12.79
N LEU A 329 11.32 -14.38 -11.80
CA LEU A 329 11.46 -13.66 -10.54
C LEU A 329 11.87 -12.20 -10.74
N GLU A 330 12.87 -11.97 -11.58
CA GLU A 330 13.38 -10.61 -11.77
C GLU A 330 12.31 -9.70 -12.37
N SER A 331 11.58 -10.21 -13.35
CA SER A 331 10.53 -9.43 -13.98
C SER A 331 9.51 -9.04 -12.92
N LYS A 332 9.41 -9.85 -11.87
CA LYS A 332 8.48 -9.60 -10.78
C LYS A 332 9.09 -8.77 -9.64
N MET A 333 10.38 -8.51 -9.73
CA MET A 333 11.08 -7.71 -8.72
C MET A 333 11.15 -8.43 -7.38
N LEU A 334 11.13 -9.76 -7.44
CA LEU A 334 11.37 -10.60 -6.26
C LEU A 334 12.88 -10.86 -6.17
N TYR A 335 13.61 -9.80 -5.87
CA TYR A 335 15.05 -9.79 -5.91
C TYR A 335 15.66 -10.61 -4.78
N ALA A 336 15.04 -10.53 -3.60
CA ALA A 336 15.58 -11.19 -2.42
C ALA A 336 15.51 -12.71 -2.61
N ASP A 337 14.40 -13.18 -3.16
CA ASP A 337 14.25 -14.60 -3.40
C ASP A 337 15.19 -15.02 -4.52
N LEU A 338 15.30 -14.17 -5.53
CA LEU A 338 16.17 -14.46 -6.64
C LEU A 338 17.61 -14.66 -6.16
N GLU A 339 18.12 -13.73 -5.35
CA GLU A 339 19.45 -13.90 -4.75
C GLU A 339 19.56 -15.23 -4.03
N ASP A 340 18.57 -15.52 -3.21
CA ASP A 340 18.60 -16.73 -2.38
C ASP A 340 18.62 -17.99 -3.22
N PHE A 341 17.77 -18.05 -4.23
CA PHE A 341 17.75 -19.22 -5.11
C PHE A 341 19.04 -19.39 -5.91
N ALA A 342 19.63 -18.28 -6.36
CA ALA A 342 20.92 -18.39 -7.04
C ALA A 342 21.99 -18.96 -6.09
N ILE A 343 21.98 -18.52 -4.84
CA ILE A 343 22.88 -19.07 -3.83
C ILE A 343 22.62 -20.56 -3.69
N ASP A 344 21.35 -20.94 -3.58
CA ASP A 344 20.99 -22.34 -3.48
C ASP A 344 21.56 -23.15 -4.65
N VAL A 345 21.49 -22.61 -5.86
CA VAL A 345 22.07 -23.29 -7.01
C VAL A 345 23.59 -23.39 -6.87
N ALA A 346 24.24 -22.26 -6.57
CA ALA A 346 25.68 -22.26 -6.32
C ALA A 346 26.06 -23.35 -5.33
N LYS A 347 25.38 -23.37 -4.20
CA LYS A 347 25.69 -24.32 -3.13
C LYS A 347 25.43 -25.77 -3.54
N TYR A 348 24.34 -26.02 -4.27
CA TYR A 348 24.11 -27.34 -4.85
C TYR A 348 25.34 -27.82 -5.64
N TYR A 349 25.83 -27.00 -6.55
CA TYR A 349 26.99 -27.38 -7.36
C TYR A 349 28.24 -27.53 -6.50
N HIS A 350 28.37 -26.67 -5.49
CA HIS A 350 29.55 -26.71 -4.62
C HIS A 350 29.71 -28.06 -3.92
N GLU A 351 28.64 -28.54 -3.31
CA GLU A 351 28.68 -29.82 -2.60
C GLU A 351 28.97 -30.97 -3.56
N ARG A 352 28.45 -30.88 -4.79
CA ARG A 352 28.75 -31.85 -5.84
C ARG A 352 30.17 -31.69 -6.41
N LYS A 353 31.00 -30.86 -5.77
CA LYS A 353 32.39 -30.68 -6.22
C LYS A 353 32.49 -30.13 -7.65
N ASN A 354 31.41 -29.51 -8.12
CA ASN A 354 31.41 -28.87 -9.44
C ASN A 354 31.67 -27.37 -9.29
N PHE A 355 32.92 -27.04 -8.98
CA PHE A 355 33.29 -25.70 -8.56
C PHE A 355 33.19 -24.63 -9.66
N GLN A 356 33.40 -25.06 -10.91
CA GLN A 356 33.22 -24.15 -12.04
C GLN A 356 31.77 -23.67 -12.09
N LYS A 357 30.82 -24.60 -12.00
CA LYS A 357 29.42 -24.22 -12.00
C LYS A 357 29.03 -23.42 -10.76
N ALA A 358 29.59 -23.78 -9.61
CA ALA A 358 29.29 -23.05 -8.37
C ALA A 358 29.72 -21.60 -8.52
N SER A 359 30.95 -21.42 -8.96
CA SER A 359 31.51 -20.08 -9.10
C SER A 359 30.63 -19.23 -10.02
N ALA A 360 30.14 -19.85 -11.10
CA ALA A 360 29.30 -19.15 -12.07
C ALA A 360 28.00 -18.63 -11.46
N TYR A 361 27.34 -19.43 -10.64
CA TYR A 361 26.13 -18.99 -9.98
C TYR A 361 26.40 -18.00 -8.84
N PHE A 362 27.55 -18.12 -8.20
CA PHE A 362 27.95 -17.12 -7.21
C PHE A 362 28.11 -15.78 -7.90
N LEU A 363 28.54 -15.82 -9.16
CA LEU A 363 28.65 -14.61 -9.95
C LEU A 363 27.27 -14.03 -10.28
N LYS A 364 26.30 -14.91 -10.53
CA LYS A 364 24.94 -14.50 -10.78
C LYS A 364 24.39 -13.76 -9.58
N VAL A 365 24.70 -14.28 -8.40
CA VAL A 365 24.31 -13.64 -7.15
C VAL A 365 24.76 -12.18 -7.11
N GLU A 366 26.02 -11.93 -7.43
CA GLU A 366 26.55 -10.56 -7.43
C GLU A 366 25.87 -9.67 -8.48
N GLN A 367 25.68 -10.18 -9.68
CA GLN A 367 24.93 -9.44 -10.71
C GLN A 367 23.58 -8.97 -10.17
N VAL A 368 22.84 -9.90 -9.56
CA VAL A 368 21.53 -9.57 -9.00
C VAL A 368 21.63 -8.51 -7.91
N ARG A 369 22.63 -8.61 -7.03
CA ARG A 369 22.85 -7.61 -5.99
C ARG A 369 23.25 -6.25 -6.54
N GLN A 370 23.56 -6.20 -7.83
CA GLN A 370 23.93 -4.95 -8.47
C GLN A 370 22.74 -4.24 -9.10
N LEU A 371 21.62 -4.95 -9.21
CA LEU A 371 20.44 -4.32 -9.79
C LEU A 371 19.92 -3.19 -8.89
N ILE A 372 19.27 -2.21 -9.50
CA ILE A 372 18.59 -1.17 -8.75
C ILE A 372 17.29 -1.76 -8.25
N GLN A 373 17.21 -1.99 -6.94
CA GLN A 373 16.07 -2.70 -6.38
C GLN A 373 15.00 -1.78 -5.80
N GLY A 374 15.41 -0.60 -5.33
CA GLY A 374 14.44 0.36 -4.86
C GLY A 374 14.92 1.76 -5.09
N GLY A 375 15.12 2.09 -6.37
CA GLY A 375 15.64 3.40 -6.72
C GLY A 375 14.65 4.48 -6.39
N VAL A 376 15.15 5.70 -6.17
CA VAL A 376 14.32 6.85 -5.89
C VAL A 376 14.63 7.98 -6.88
N SER A 377 13.87 9.06 -6.77
CA SER A 377 14.05 10.24 -7.60
C SER A 377 13.86 11.43 -6.70
N LEU A 378 14.78 12.39 -6.81
CA LEU A 378 14.62 13.63 -6.10
C LEU A 378 13.54 14.46 -6.78
N TYR A 379 12.78 15.20 -5.98
CA TYR A 379 11.75 16.05 -6.51
C TYR A 379 12.33 17.44 -6.80
N GLU A 380 12.42 17.79 -8.08
CA GLU A 380 12.84 19.13 -8.49
C GLU A 380 14.16 19.63 -7.87
N ILE A 381 15.15 18.75 -7.79
CA ILE A 381 16.48 19.18 -7.38
C ILE A 381 17.40 19.29 -8.60
N GLU A 382 18.02 20.46 -8.79
CA GLU A 382 18.80 20.74 -9.99
C GLU A 382 20.18 20.08 -9.98
N VAL A 383 20.58 19.54 -11.12
CA VAL A 383 21.94 19.05 -11.32
C VAL A 383 22.66 19.76 -12.47
N VAL B 29 -7.34 31.06 -12.68
CA VAL B 29 -6.91 30.09 -13.69
C VAL B 29 -7.96 29.00 -13.78
N LEU B 30 -8.63 28.93 -14.91
CA LEU B 30 -9.69 27.95 -15.12
C LEU B 30 -9.13 26.56 -15.41
N THR B 31 -9.77 25.52 -14.85
CA THR B 31 -9.44 24.15 -15.26
C THR B 31 -9.94 23.95 -16.70
N PRO B 32 -9.44 22.90 -17.38
CA PRO B 32 -9.94 22.59 -18.72
C PRO B 32 -11.46 22.43 -18.71
N ARG B 33 -12.00 21.74 -17.70
CA ARG B 33 -13.45 21.54 -17.64
C ARG B 33 -14.22 22.85 -17.38
N GLU B 34 -13.61 23.77 -16.65
CA GLU B 34 -14.25 25.05 -16.43
C GLU B 34 -14.23 25.87 -17.73
N CYS B 35 -13.09 25.82 -18.43
CA CYS B 35 -12.98 26.44 -19.76
C CYS B 35 -14.04 25.89 -20.71
N LEU B 36 -14.23 24.58 -20.66
CA LEU B 36 -15.27 23.94 -21.45
C LEU B 36 -16.62 24.59 -21.19
N ILE B 37 -16.94 24.84 -19.92
CA ILE B 37 -18.21 25.46 -19.60
C ILE B 37 -18.29 26.85 -20.24
N LEU B 38 -17.22 27.61 -20.09
CA LEU B 38 -17.13 28.93 -20.68
C LEU B 38 -17.26 28.88 -22.21
N GLN B 39 -16.59 27.93 -22.86
CA GLN B 39 -16.72 27.74 -24.31
C GLN B 39 -18.17 27.58 -24.72
N GLU B 40 -18.94 26.79 -23.96
CA GLU B 40 -20.36 26.62 -24.27
C GLU B 40 -21.12 27.93 -24.04
N VAL B 41 -20.66 28.71 -23.06
CA VAL B 41 -21.31 29.97 -22.74
C VAL B 41 -21.12 30.92 -23.92
N GLU B 42 -19.90 30.96 -24.45
CA GLU B 42 -19.55 31.85 -25.57
C GLU B 42 -20.37 31.51 -26.79
N LYS B 43 -20.72 30.24 -26.93
CA LYS B 43 -21.53 29.79 -28.07
C LYS B 43 -23.00 30.09 -27.88
N GLY B 44 -23.36 30.68 -26.74
CA GLY B 44 -24.74 31.05 -26.50
C GLY B 44 -25.63 29.98 -25.87
N PHE B 45 -25.05 28.89 -25.39
CA PHE B 45 -25.88 27.87 -24.73
C PHE B 45 -26.57 28.45 -23.49
N THR B 46 -27.75 27.91 -23.16
CA THR B 46 -28.32 28.19 -21.85
C THR B 46 -27.70 27.28 -20.79
N ASN B 47 -27.90 27.65 -19.53
CA ASN B 47 -27.43 26.82 -18.44
C ASN B 47 -27.96 25.40 -18.56
N GLN B 48 -29.26 25.27 -18.84
CA GLN B 48 -29.85 23.96 -19.04
C GLN B 48 -29.17 23.19 -20.17
N GLU B 49 -28.78 23.89 -21.23
CA GLU B 49 -28.17 23.24 -22.38
C GLU B 49 -26.75 22.84 -22.01
N ILE B 50 -26.11 23.62 -21.15
CA ILE B 50 -24.77 23.27 -20.71
C ILE B 50 -24.82 22.05 -19.80
N ALA B 51 -25.77 22.09 -18.86
CA ALA B 51 -25.99 20.95 -17.98
C ALA B 51 -26.12 19.66 -18.78
N ASP B 52 -27.02 19.66 -19.76
CA ASP B 52 -27.28 18.46 -20.56
C ASP B 52 -26.05 18.02 -21.34
N ALA B 53 -25.33 18.98 -21.92
CA ALA B 53 -24.13 18.67 -22.68
C ALA B 53 -23.03 18.03 -21.81
N LEU B 54 -22.96 18.41 -20.55
CA LEU B 54 -21.87 17.96 -19.67
C LEU B 54 -22.29 16.96 -18.59
N HIS B 55 -23.57 16.56 -18.59
CA HIS B 55 -24.07 15.65 -17.56
C HIS B 55 -23.78 16.20 -16.15
N LEU B 56 -24.20 17.44 -15.93
CA LEU B 56 -24.21 18.05 -14.61
C LEU B 56 -25.59 18.60 -14.40
N SER B 57 -25.99 18.73 -13.14
CA SER B 57 -27.23 19.39 -12.80
C SER B 57 -27.12 20.86 -13.19
N LYS B 58 -28.26 21.49 -13.41
CA LYS B 58 -28.30 22.90 -13.75
C LYS B 58 -27.77 23.70 -12.57
N ARG B 59 -28.18 23.31 -11.37
CA ARG B 59 -27.70 23.92 -10.15
C ARG B 59 -26.17 23.97 -10.15
N SER B 60 -25.55 22.85 -10.53
CA SER B 60 -24.08 22.80 -10.60
C SER B 60 -23.53 23.79 -11.63
N ILE B 61 -24.21 23.94 -12.76
CA ILE B 61 -23.76 24.92 -13.75
C ILE B 61 -23.83 26.31 -13.15
N GLU B 62 -24.90 26.59 -12.41
CA GLU B 62 -25.04 27.89 -11.71
C GLU B 62 -23.89 28.13 -10.75
N TYR B 63 -23.62 27.14 -9.89
CA TYR B 63 -22.47 27.23 -9.00
C TYR B 63 -21.21 27.45 -9.80
N SER B 64 -21.03 26.68 -10.88
CA SER B 64 -19.83 26.78 -11.69
C SER B 64 -19.62 28.19 -12.20
N LEU B 65 -20.71 28.82 -12.65
CA LEU B 65 -20.60 30.14 -13.23
C LEU B 65 -20.29 31.18 -12.14
N THR B 66 -20.95 31.05 -11.00
CA THR B 66 -20.64 31.94 -9.89
C THR B 66 -19.17 31.84 -9.57
N SER B 67 -18.64 30.63 -9.55
CA SER B 67 -17.22 30.48 -9.30
C SER B 67 -16.39 31.05 -10.47
N ILE B 68 -16.70 30.62 -11.68
CA ILE B 68 -15.98 31.09 -12.86
C ILE B 68 -16.02 32.63 -13.00
N PHE B 69 -17.19 33.23 -12.84
CA PHE B 69 -17.28 34.67 -13.00
C PHE B 69 -16.43 35.38 -11.95
N ASN B 70 -16.50 34.91 -10.71
CA ASN B 70 -15.66 35.50 -9.69
C ASN B 70 -14.20 35.47 -10.10
N LYS B 71 -13.78 34.35 -10.69
CA LYS B 71 -12.36 34.15 -11.02
C LYS B 71 -11.91 35.07 -12.14
N LEU B 72 -12.86 35.44 -13.00
CA LEU B 72 -12.59 36.29 -14.16
C LEU B 72 -12.90 37.73 -13.80
N ASN B 73 -13.29 37.94 -12.55
CA ASN B 73 -13.72 39.25 -12.10
C ASN B 73 -14.72 39.90 -13.05
N VAL B 74 -15.84 39.25 -13.31
CA VAL B 74 -16.92 39.86 -14.08
C VAL B 74 -18.26 39.69 -13.40
N GLY B 75 -19.22 40.50 -13.81
CA GLY B 75 -20.52 40.52 -13.17
C GLY B 75 -21.63 40.07 -14.08
N SER B 76 -21.31 39.61 -15.27
CA SER B 76 -22.38 39.10 -16.14
C SER B 76 -21.92 38.05 -17.11
N ARG B 77 -22.87 37.23 -17.54
CA ARG B 77 -22.63 36.22 -18.54
C ARG B 77 -22.02 36.84 -19.82
N THR B 78 -22.63 37.91 -20.33
CA THR B 78 -22.14 38.58 -21.54
C THR B 78 -20.69 39.04 -21.37
N GLU B 79 -20.41 39.61 -20.20
CA GLU B 79 -19.11 40.18 -19.87
C GLU B 79 -18.05 39.10 -19.57
N ALA B 80 -18.53 37.92 -19.14
CA ALA B 80 -17.63 36.79 -18.95
C ALA B 80 -17.16 36.35 -20.32
N VAL B 81 -18.10 36.35 -21.27
CA VAL B 81 -17.77 36.06 -22.66
C VAL B 81 -16.67 37.01 -23.20
N LEU B 82 -16.70 38.29 -22.81
CA LEU B 82 -15.72 39.25 -23.37
C LEU B 82 -14.33 39.05 -22.79
N ILE B 83 -14.24 38.88 -21.47
CA ILE B 83 -12.95 38.71 -20.80
C ILE B 83 -12.34 37.38 -21.22
N ALA B 84 -13.20 36.40 -21.46
CA ALA B 84 -12.79 35.12 -22.02
C ALA B 84 -12.01 35.34 -23.30
N LYS B 85 -12.59 36.13 -24.21
CA LYS B 85 -11.97 36.47 -25.49
C LYS B 85 -10.86 37.52 -25.35
N SER B 86 -10.11 37.42 -24.25
CA SER B 86 -8.92 38.25 -24.01
C SER B 86 -8.35 38.05 -22.60
#